data_7Z4R
#
_entry.id   7Z4R
#
_cell.length_a   89.420
_cell.length_b   109.130
_cell.length_c   134.100
_cell.angle_alpha   90.000
_cell.angle_beta   90.000
_cell.angle_gamma   90.000
#
_symmetry.space_group_name_H-M   'I 2 2 2'
#
loop_
_entity.id
_entity.type
_entity.pdbx_description
1 polymer 'Pyruvate kinase'
2 non-polymer 'MAGNESIUM ION'
3 non-polymer 'POTASSIUM ION'
4 water water
#
_entity_poly.entity_id   1
_entity_poly.type   'polypeptide(L)'
_entity_poly.pdbx_seq_one_letter_code
;MSSFKYKNSAAGASMQSAANITLRQILEPNNVNLRSKKTHIVCTLGPACKSVETLVKLIDAGMDICRFNFSHGSHEDHKE
MFNNVLKAQELRPNCLLGMLLDTKGPEIRTGFLKNKEVHLKEGSKLKLVTDYEFLGDETCIACSYKKLPQSVKPGNIILI
ADGSVSCKVLETHEDHVITEVLNSAVIGERKNMNLPNVKVDLPIISEKDKNDILNFAIPMGCNFIAASFIQSADDVRLIR
NLLGPRGRHIKIIPKIENIEGIIHFDKILAESDGIMIARGDLGMEISPEKVFLAQKLMISKCNLQGKPIITATQMLESMT
KNPRPTRAEVTDVANAVLDGTDAVMLSGETAGGKFPVEAVTIMSKICLEAEACIDYKLLYQSLVNAIETPISVQEAVARS
AVETAESIQASLIIALTETGYTARLIAKYKPSCTILALSASDSTVKCLNVHRGVTCIKVGSFQGTDIVIRNAIEIAKQRN
MAKVGDSVIAIHGIKEEVSGGTNLMKVVQIELEHHHHHH
;
_entity_poly.pdbx_strand_id   A
#
loop_
_chem_comp.id
_chem_comp.type
_chem_comp.name
_chem_comp.formula
K non-polymer 'POTASSIUM ION' 'K 1'
MG non-polymer 'MAGNESIUM ION' 'Mg 2'
#
# COMPACT_ATOMS: atom_id res chain seq x y z
N ALA A 11 -20.53 7.12 -12.45
CA ALA A 11 -19.76 5.93 -12.77
C ALA A 11 -19.08 5.37 -11.52
N GLY A 12 -18.29 6.21 -10.85
CA GLY A 12 -17.54 5.79 -9.68
C GLY A 12 -18.35 5.71 -8.41
N ALA A 13 -18.07 6.60 -7.46
CA ALA A 13 -18.72 6.56 -6.16
C ALA A 13 -18.61 7.92 -5.51
N SER A 14 -19.31 8.07 -4.39
CA SER A 14 -19.30 9.29 -3.59
C SER A 14 -18.66 9.01 -2.23
N MET A 15 -18.15 10.08 -1.62
CA MET A 15 -17.47 9.98 -0.34
C MET A 15 -17.83 11.18 0.53
N GLN A 16 -17.81 10.96 1.85
CA GLN A 16 -18.16 11.99 2.81
C GLN A 16 -17.18 11.93 3.97
N SER A 17 -16.32 12.94 4.07
CA SER A 17 -15.42 13.08 5.20
C SER A 17 -16.04 13.99 6.25
N ALA A 18 -15.70 13.74 7.51
CA ALA A 18 -16.22 14.53 8.62
C ALA A 18 -15.12 14.66 9.67
N ALA A 19 -14.83 15.91 10.05
CA ALA A 19 -13.75 16.19 10.98
C ALA A 19 -14.23 17.17 12.05
N ASN A 20 -13.63 17.07 13.23
CA ASN A 20 -13.87 18.00 14.33
C ASN A 20 -12.49 18.50 14.79
N ILE A 21 -12.23 19.77 14.55
CA ILE A 21 -10.93 20.37 14.84
C ILE A 21 -11.11 21.39 15.95
N THR A 22 -10.45 21.16 17.09
CA THR A 22 -10.47 22.07 18.22
C THR A 22 -9.23 22.94 18.23
N LEU A 23 -9.31 24.04 18.97
CA LEU A 23 -8.12 24.85 19.20
C LEU A 23 -7.08 24.08 20.01
N ARG A 24 -7.53 23.27 20.96
CA ARG A 24 -6.61 22.51 21.80
C ARG A 24 -5.75 21.57 20.97
N GLN A 25 -6.34 20.88 19.99
CA GLN A 25 -5.56 19.98 19.16
C GLN A 25 -4.54 20.72 18.31
N ILE A 26 -4.84 21.96 17.92
CA ILE A 26 -3.88 22.75 17.15
C ILE A 26 -2.75 23.24 18.05
N LEU A 27 -3.07 23.66 19.27
CA LEU A 27 -2.09 24.30 20.14
C LEU A 27 -1.37 23.32 21.05
N GLU A 28 -2.05 22.30 21.54
CA GLU A 28 -1.42 21.42 22.52
C GLU A 28 -0.68 20.29 21.81
N PRO A 29 0.58 20.03 22.16
CA PRO A 29 1.33 18.96 21.48
C PRO A 29 0.78 17.59 21.81
N ASN A 30 0.87 16.70 20.82
CA ASN A 30 0.51 15.30 20.98
C ASN A 30 1.72 14.54 21.51
N ASN A 31 1.50 13.73 22.56
CA ASN A 31 2.59 13.01 23.20
C ASN A 31 2.17 11.58 23.51
N VAL A 32 1.53 10.93 22.55
CA VAL A 32 1.16 9.53 22.67
C VAL A 32 2.21 8.69 21.95
N ASN A 33 2.17 7.38 22.20
CA ASN A 33 3.11 6.47 21.55
C ASN A 33 2.84 6.45 20.04
N LEU A 34 3.91 6.54 19.25
CA LEU A 34 3.76 6.60 17.80
C LEU A 34 3.14 5.32 17.25
N ARG A 35 3.32 4.19 17.93
CA ARG A 35 2.73 2.93 17.49
C ARG A 35 1.27 2.77 17.89
N SER A 36 0.68 3.75 18.58
CA SER A 36 -0.74 3.72 18.90
C SER A 36 -1.61 4.19 17.74
N LYS A 37 -1.02 4.76 16.69
CA LYS A 37 -1.76 5.25 15.55
C LYS A 37 -2.58 4.13 14.92
N LYS A 38 -3.65 4.53 14.22
CA LYS A 38 -4.47 3.58 13.49
C LYS A 38 -3.96 3.33 12.09
N THR A 39 -3.48 4.38 11.41
CA THR A 39 -2.94 4.23 10.07
C THR A 39 -1.59 3.53 10.14
N HIS A 40 -1.37 2.57 9.26
CA HIS A 40 -0.14 1.80 9.26
C HIS A 40 0.80 2.28 8.17
N ILE A 41 2.09 2.11 8.39
CA ILE A 41 3.12 2.67 7.52
C ILE A 41 3.87 1.52 6.84
N VAL A 42 3.92 1.58 5.51
CA VAL A 42 4.75 0.67 4.71
C VAL A 42 6.10 1.36 4.47
N CYS A 43 7.18 0.70 4.86
CA CYS A 43 8.53 1.24 4.71
C CYS A 43 9.31 0.40 3.72
N THR A 44 9.93 1.06 2.75
CA THR A 44 10.74 0.36 1.75
C THR A 44 12.15 0.15 2.29
N LEU A 45 12.60 -1.10 2.30
CA LEU A 45 13.91 -1.43 2.83
C LEU A 45 15.00 -1.17 1.79
N GLY A 46 16.19 -0.81 2.28
CA GLY A 46 17.30 -0.51 1.42
C GLY A 46 18.57 -0.29 2.22
N PRO A 47 19.62 0.21 1.56
CA PRO A 47 20.89 0.44 2.28
C PRO A 47 20.78 1.41 3.44
N ALA A 48 19.86 2.38 3.39
CA ALA A 48 19.76 3.36 4.47
C ALA A 48 19.29 2.73 5.77
N CYS A 49 18.51 1.64 5.69
CA CYS A 49 18.01 0.94 6.86
C CYS A 49 18.46 -0.52 6.86
N LYS A 50 19.68 -0.76 6.35
CA LYS A 50 20.17 -2.14 6.28
C LYS A 50 20.47 -2.71 7.66
N SER A 51 20.89 -1.86 8.59
CA SER A 51 21.32 -2.35 9.90
C SER A 51 20.12 -2.68 10.77
N VAL A 52 20.30 -3.69 11.64
CA VAL A 52 19.29 -4.02 12.64
C VAL A 52 19.05 -2.82 13.55
N GLU A 53 20.08 -2.01 13.79
CA GLU A 53 19.94 -0.84 14.63
C GLU A 53 18.96 0.16 14.04
N THR A 54 19.04 0.39 12.73
CA THR A 54 18.12 1.34 12.10
C THR A 54 16.71 0.77 12.00
N LEU A 55 16.59 -0.54 11.74
CA LEU A 55 15.28 -1.15 11.60
C LEU A 55 14.50 -1.10 12.92
N VAL A 56 15.19 -1.25 14.04
CA VAL A 56 14.53 -1.12 15.33
C VAL A 56 14.04 0.31 15.55
N LYS A 57 14.84 1.30 15.13
CA LYS A 57 14.40 2.69 15.21
C LYS A 57 13.20 2.93 14.33
N LEU A 58 13.14 2.29 13.16
CA LEU A 58 11.97 2.44 12.30
C LEU A 58 10.74 1.82 12.94
N ILE A 59 10.91 0.69 13.64
CA ILE A 59 9.80 0.08 14.34
C ILE A 59 9.25 1.02 15.41
N ASP A 60 10.15 1.58 16.21
CA ASP A 60 9.72 2.54 17.24
C ASP A 60 9.09 3.77 16.63
N ALA A 61 9.50 4.14 15.41
CA ALA A 61 8.97 5.34 14.77
C ALA A 61 7.59 5.11 14.17
N GLY A 62 7.21 3.88 13.85
CA GLY A 62 5.88 3.62 13.35
C GLY A 62 5.80 2.64 12.18
N MET A 63 6.92 1.99 11.85
CA MET A 63 6.91 1.00 10.78
C MET A 63 6.03 -0.19 11.12
N ASP A 64 5.15 -0.56 10.20
CA ASP A 64 4.28 -1.72 10.36
C ASP A 64 4.46 -2.77 9.28
N ILE A 65 4.90 -2.38 8.09
CA ILE A 65 5.07 -3.32 6.98
C ILE A 65 6.36 -2.96 6.27
N CYS A 66 7.22 -3.95 6.06
CA CYS A 66 8.47 -3.78 5.34
C CYS A 66 8.28 -4.18 3.89
N ARG A 67 8.61 -3.27 2.98
CA ARG A 67 8.51 -3.53 1.54
C ARG A 67 9.87 -3.94 0.99
N PHE A 68 9.90 -5.08 0.31
CA PHE A 68 11.07 -5.53 -0.42
C PHE A 68 10.84 -5.23 -1.89
N ASN A 69 11.52 -4.21 -2.40
CA ASN A 69 11.40 -3.83 -3.80
C ASN A 69 12.26 -4.77 -4.64
N PHE A 70 11.61 -5.63 -5.41
CA PHE A 70 12.31 -6.60 -6.23
C PHE A 70 12.55 -6.11 -7.66
N SER A 71 12.35 -4.81 -7.91
CA SER A 71 12.85 -4.22 -9.15
C SER A 71 14.36 -4.08 -9.13
N HIS A 72 14.97 -4.03 -7.95
CA HIS A 72 16.41 -3.95 -7.80
C HIS A 72 16.85 -4.98 -6.76
N GLY A 73 18.14 -5.32 -6.81
CA GLY A 73 18.70 -6.27 -5.87
C GLY A 73 18.40 -7.72 -6.19
N SER A 74 19.29 -8.62 -5.79
CA SER A 74 19.12 -10.05 -6.02
C SER A 74 18.46 -10.70 -4.80
N HIS A 75 18.22 -12.01 -4.91
CA HIS A 75 17.65 -12.75 -3.79
C HIS A 75 18.58 -12.74 -2.59
N GLU A 76 19.90 -12.72 -2.83
CA GLU A 76 20.84 -12.53 -1.74
C GLU A 76 20.63 -11.16 -1.08
N ASP A 77 20.55 -10.11 -1.88
CA ASP A 77 20.41 -8.76 -1.34
C ASP A 77 19.19 -8.63 -0.45
N HIS A 78 18.10 -9.31 -0.81
CA HIS A 78 16.90 -9.26 0.00
C HIS A 78 16.91 -10.25 1.15
N LYS A 79 17.78 -11.26 1.10
CA LYS A 79 17.84 -12.23 2.20
C LYS A 79 18.64 -11.69 3.38
N GLU A 80 19.75 -10.99 3.12
CA GLU A 80 20.45 -10.33 4.23
C GLU A 80 19.60 -9.24 4.85
N MET A 81 18.74 -8.59 4.04
CA MET A 81 17.81 -7.63 4.59
C MET A 81 16.69 -8.32 5.37
N PHE A 82 16.16 -9.41 4.81
CA PHE A 82 15.08 -10.14 5.49
C PHE A 82 15.53 -10.63 6.85
N ASN A 83 16.72 -11.25 6.93
CA ASN A 83 17.20 -11.78 8.20
C ASN A 83 17.49 -10.67 9.20
N ASN A 84 17.96 -9.51 8.72
CA ASN A 84 18.14 -8.38 9.62
C ASN A 84 16.81 -7.86 10.16
N VAL A 85 15.74 -7.99 9.38
CA VAL A 85 14.42 -7.59 9.87
C VAL A 85 13.93 -8.57 10.92
N LEU A 86 14.15 -9.87 10.70
CA LEU A 86 13.73 -10.85 11.70
C LEU A 86 14.45 -10.66 13.03
N LYS A 87 15.68 -10.15 13.00
CA LYS A 87 16.39 -9.93 14.25
C LYS A 87 15.94 -8.63 14.91
N ALA A 88 15.64 -7.60 14.11
CA ALA A 88 14.95 -6.44 14.66
C ALA A 88 13.60 -6.84 15.22
N GLN A 89 12.93 -7.80 14.58
CA GLN A 89 11.67 -8.32 15.09
C GLN A 89 11.85 -8.96 16.47
N GLU A 90 12.97 -9.66 16.67
CA GLU A 90 13.21 -10.31 17.95
C GLU A 90 13.43 -9.30 19.07
N LEU A 91 14.01 -8.15 18.76
CA LEU A 91 14.20 -7.10 19.75
C LEU A 91 12.91 -6.35 20.06
N ARG A 92 11.90 -6.46 19.20
CA ARG A 92 10.63 -5.76 19.37
C ARG A 92 9.50 -6.79 19.27
N PRO A 93 9.31 -7.60 20.30
CA PRO A 93 8.35 -8.72 20.19
C PRO A 93 6.90 -8.27 20.12
N ASN A 94 6.56 -7.11 20.68
CA ASN A 94 5.19 -6.60 20.63
C ASN A 94 4.87 -5.91 19.30
N CYS A 95 5.67 -6.14 18.26
CA CYS A 95 5.46 -5.53 16.95
CA CYS A 95 5.46 -5.53 16.95
C CYS A 95 5.64 -6.63 15.90
N LEU A 96 4.53 -7.12 15.36
CA LEU A 96 4.54 -8.17 14.35
C LEU A 96 4.49 -7.51 12.97
N LEU A 97 5.65 -7.42 12.31
CA LEU A 97 5.74 -6.73 11.04
C LEU A 97 5.22 -7.59 9.89
N GLY A 98 4.46 -6.95 8.99
CA GLY A 98 4.11 -7.61 7.74
C GLY A 98 5.25 -7.53 6.74
N MET A 99 5.37 -8.57 5.92
CA MET A 99 6.42 -8.65 4.92
C MET A 99 5.79 -8.59 3.53
N LEU A 100 6.19 -7.58 2.76
CA LEU A 100 5.60 -7.31 1.45
C LEU A 100 6.66 -7.40 0.38
N LEU A 101 6.38 -8.18 -0.67
CA LEU A 101 7.25 -8.27 -1.84
C LEU A 101 6.62 -7.47 -2.97
N ASP A 102 7.37 -6.49 -3.49
CA ASP A 102 6.92 -5.66 -4.60
C ASP A 102 7.57 -6.21 -5.87
N THR A 103 6.75 -6.77 -6.76
CA THR A 103 7.28 -7.39 -7.97
C THR A 103 7.84 -6.34 -8.93
N LYS A 104 8.89 -6.74 -9.65
CA LYS A 104 9.44 -5.88 -10.70
C LYS A 104 8.38 -5.61 -11.77
N GLY A 105 7.71 -6.66 -12.23
CA GLY A 105 6.63 -6.52 -13.18
C GLY A 105 7.08 -6.01 -14.54
N PRO A 106 6.14 -5.80 -15.44
CA PRO A 106 6.49 -5.37 -16.79
C PRO A 106 7.03 -3.94 -16.81
N GLU A 107 8.07 -3.74 -17.61
CA GLU A 107 8.70 -2.44 -17.78
C GLU A 107 8.93 -2.18 -19.26
N ILE A 108 9.01 -0.90 -19.61
CA ILE A 108 9.35 -0.46 -20.96
C ILE A 108 10.45 0.57 -20.86
N ARG A 109 11.55 0.33 -21.59
CA ARG A 109 12.72 1.20 -21.52
C ARG A 109 13.24 1.49 -22.92
N THR A 110 13.81 2.68 -23.08
CA THR A 110 14.49 3.05 -24.31
C THR A 110 15.79 2.24 -24.44
N GLY A 111 16.38 2.33 -25.63
CA GLY A 111 17.63 1.64 -25.91
C GLY A 111 18.84 2.47 -25.53
N PHE A 112 20.00 2.03 -26.02
CA PHE A 112 21.25 2.72 -25.80
C PHE A 112 21.48 3.78 -26.87
N LEU A 113 22.39 4.70 -26.57
CA LEU A 113 22.67 5.84 -27.44
C LEU A 113 24.15 5.89 -27.76
N LYS A 114 24.47 6.43 -28.95
CA LYS A 114 25.86 6.49 -29.39
C LYS A 114 26.70 7.38 -28.48
N ASN A 115 26.17 8.56 -28.13
CA ASN A 115 26.87 9.50 -27.26
C ASN A 115 26.23 9.63 -25.89
N LYS A 116 25.38 8.67 -25.52
CA LYS A 116 24.73 8.57 -24.21
C LYS A 116 23.81 9.75 -23.90
N GLU A 117 23.66 10.70 -24.81
CA GLU A 117 22.80 11.85 -24.60
C GLU A 117 22.23 12.31 -25.94
N VAL A 118 20.94 12.63 -25.95
CA VAL A 118 20.28 13.23 -27.09
C VAL A 118 19.40 14.37 -26.59
N HIS A 119 19.33 15.44 -27.37
CA HIS A 119 18.45 16.57 -27.06
C HIS A 119 17.34 16.59 -28.10
N LEU A 120 16.26 15.87 -27.80
CA LEU A 120 15.10 15.88 -28.69
C LEU A 120 14.48 17.27 -28.70
N LYS A 121 14.26 17.80 -29.90
CA LYS A 121 13.75 19.15 -30.08
C LYS A 121 12.28 19.12 -30.46
N GLU A 122 11.52 20.08 -29.93
CA GLU A 122 10.09 20.17 -30.23
C GLU A 122 9.87 20.33 -31.73
N GLY A 123 8.84 19.65 -32.24
CA GLY A 123 8.52 19.66 -33.65
C GLY A 123 9.27 18.65 -34.48
N SER A 124 10.45 18.23 -34.03
CA SER A 124 11.23 17.24 -34.75
C SER A 124 10.55 15.87 -34.70
N LYS A 125 11.02 14.96 -35.53
CA LYS A 125 10.44 13.64 -35.67
C LYS A 125 11.41 12.59 -35.15
N LEU A 126 10.89 11.58 -34.46
CA LEU A 126 11.70 10.58 -33.79
C LEU A 126 11.16 9.20 -34.08
N LYS A 127 12.02 8.30 -34.56
CA LYS A 127 11.65 6.93 -34.83
C LYS A 127 11.94 6.06 -33.61
N LEU A 128 10.98 5.22 -33.25
CA LEU A 128 11.14 4.25 -32.16
C LEU A 128 11.10 2.86 -32.77
N VAL A 129 12.24 2.16 -32.74
CA VAL A 129 12.37 0.86 -33.37
C VAL A 129 12.32 -0.23 -32.30
N THR A 130 11.89 -1.41 -32.71
CA THR A 130 11.82 -2.57 -31.83
C THR A 130 13.13 -3.36 -31.77
N ASP A 131 14.08 -3.08 -32.65
CA ASP A 131 15.39 -3.70 -32.60
C ASP A 131 16.18 -3.06 -31.46
N TYR A 132 16.20 -3.72 -30.30
CA TYR A 132 16.83 -3.15 -29.11
C TYR A 132 18.35 -3.07 -29.21
N GLU A 133 18.96 -3.77 -30.17
CA GLU A 133 20.40 -3.68 -30.35
C GLU A 133 20.84 -2.39 -31.04
N PHE A 134 19.90 -1.63 -31.62
CA PHE A 134 20.27 -0.42 -32.36
C PHE A 134 20.74 0.67 -31.42
N LEU A 135 21.93 1.21 -31.69
CA LEU A 135 22.44 2.36 -30.96
C LEU A 135 21.75 3.63 -31.48
N GLY A 136 21.02 4.31 -30.61
CA GLY A 136 20.14 5.37 -31.03
C GLY A 136 20.82 6.72 -31.19
N ASP A 137 20.05 7.64 -31.77
CA ASP A 137 20.43 9.04 -31.89
C ASP A 137 19.17 9.88 -31.76
N GLU A 138 19.29 11.19 -32.00
CA GLU A 138 18.16 12.10 -31.80
C GLU A 138 17.03 11.87 -32.80
N THR A 139 17.25 11.08 -33.85
CA THR A 139 16.19 10.79 -34.81
C THR A 139 15.65 9.37 -34.73
N CYS A 140 16.31 8.47 -33.99
CA CYS A 140 15.84 7.09 -33.91
C CYS A 140 16.39 6.45 -32.65
N ILE A 141 15.51 5.85 -31.85
CA ILE A 141 15.87 5.26 -30.57
C ILE A 141 15.10 3.95 -30.41
N ALA A 142 15.79 2.92 -29.90
CA ALA A 142 15.17 1.62 -29.71
C ALA A 142 14.22 1.64 -28.51
N CYS A 143 13.33 0.66 -28.48
CA CYS A 143 12.36 0.48 -27.41
C CYS A 143 12.26 -0.99 -27.07
N SER A 144 12.31 -1.30 -25.76
CA SER A 144 12.34 -2.70 -25.33
C SER A 144 11.02 -3.42 -25.53
N TYR A 145 9.92 -2.69 -25.70
CA TYR A 145 8.59 -3.28 -25.87
C TYR A 145 8.40 -3.61 -27.34
N LYS A 146 8.52 -4.89 -27.70
CA LYS A 146 8.45 -5.27 -29.11
C LYS A 146 7.05 -5.04 -29.69
N LYS A 147 6.00 -5.24 -28.89
CA LYS A 147 4.64 -5.05 -29.37
C LYS A 147 4.22 -3.58 -29.39
N LEU A 148 5.15 -2.65 -29.17
CA LEU A 148 4.82 -1.22 -29.19
C LEU A 148 4.07 -0.79 -30.44
N PRO A 149 4.52 -1.12 -31.67
CA PRO A 149 3.77 -0.65 -32.85
C PRO A 149 2.38 -1.24 -32.97
N GLN A 150 2.12 -2.40 -32.36
CA GLN A 150 0.79 -2.99 -32.41
C GLN A 150 -0.14 -2.43 -31.35
N SER A 151 0.39 -1.75 -30.33
CA SER A 151 -0.41 -1.24 -29.23
C SER A 151 -0.76 0.24 -29.35
N VAL A 152 0.16 1.06 -29.83
CA VAL A 152 -0.10 2.48 -30.03
C VAL A 152 -0.70 2.68 -31.42
N LYS A 153 -1.48 3.74 -31.55
CA LYS A 153 -2.06 4.15 -32.82
C LYS A 153 -1.62 5.58 -33.10
N PRO A 154 -1.79 6.10 -34.33
CA PRO A 154 -1.52 7.52 -34.57
C PRO A 154 -2.36 8.39 -33.63
N GLY A 155 -1.71 9.40 -33.05
CA GLY A 155 -2.34 10.27 -32.09
C GLY A 155 -2.05 9.92 -30.65
N ASN A 156 -1.72 8.66 -30.36
CA ASN A 156 -1.34 8.28 -29.01
C ASN A 156 -0.07 9.02 -28.58
N ILE A 157 0.06 9.24 -27.28
CA ILE A 157 1.20 9.94 -26.70
C ILE A 157 2.13 8.93 -26.07
N ILE A 158 3.43 9.10 -26.29
CA ILE A 158 4.45 8.24 -25.72
C ILE A 158 5.33 9.09 -24.81
N LEU A 159 5.45 8.68 -23.55
CA LEU A 159 6.27 9.38 -22.57
C LEU A 159 7.60 8.67 -22.39
N ILE A 160 8.66 9.45 -22.18
CA ILE A 160 10.01 8.93 -22.07
C ILE A 160 10.71 9.60 -20.89
N ALA A 161 11.43 8.80 -20.11
CA ALA A 161 12.27 9.28 -19.00
C ALA A 161 11.45 10.06 -17.98
N ASP A 162 10.56 9.33 -17.31
CA ASP A 162 9.69 9.90 -16.28
C ASP A 162 8.92 11.10 -16.82
N GLY A 163 8.44 10.99 -18.06
CA GLY A 163 7.70 12.07 -18.66
C GLY A 163 8.53 13.29 -18.99
N SER A 164 9.86 13.15 -19.09
CA SER A 164 10.70 14.28 -19.46
C SER A 164 10.42 14.76 -20.89
N VAL A 165 9.86 13.91 -21.74
CA VAL A 165 9.55 14.27 -23.11
C VAL A 165 8.37 13.44 -23.58
N SER A 166 7.43 14.10 -24.26
CA SER A 166 6.27 13.45 -24.85
C SER A 166 6.46 13.36 -26.36
N CYS A 167 5.85 12.33 -26.96
CA CYS A 167 5.95 12.10 -28.39
C CYS A 167 4.57 11.70 -28.91
N LYS A 168 4.09 12.41 -29.93
CA LYS A 168 2.82 12.09 -30.57
C LYS A 168 3.08 11.12 -31.71
N VAL A 169 2.42 9.96 -31.67
CA VAL A 169 2.63 8.93 -32.68
C VAL A 169 2.08 9.41 -34.01
N LEU A 170 2.94 9.44 -35.04
CA LEU A 170 2.53 9.80 -36.39
C LEU A 170 2.28 8.58 -37.26
N GLU A 171 3.18 7.59 -37.22
CA GLU A 171 3.07 6.40 -38.05
C GLU A 171 3.35 5.16 -37.20
N THR A 172 2.66 4.08 -37.53
CA THR A 172 2.95 2.76 -36.97
C THR A 172 3.30 1.81 -38.11
N HIS A 173 4.36 1.04 -37.91
CA HIS A 173 4.80 0.03 -38.88
C HIS A 173 5.14 -1.23 -38.11
N GLU A 174 5.52 -2.29 -38.83
CA GLU A 174 5.68 -3.58 -38.18
C GLU A 174 6.75 -3.54 -37.09
N ASP A 175 7.91 -2.96 -37.40
CA ASP A 175 9.06 -3.00 -36.51
C ASP A 175 9.45 -1.63 -35.95
N HIS A 176 8.61 -0.61 -36.15
CA HIS A 176 8.94 0.71 -35.62
C HIS A 176 7.69 1.58 -35.65
N VAL A 177 7.77 2.71 -34.94
CA VAL A 177 6.79 3.78 -35.03
C VAL A 177 7.54 5.08 -35.23
N ILE A 178 6.83 6.06 -35.80
CA ILE A 178 7.39 7.39 -36.05
C ILE A 178 6.55 8.41 -35.28
N THR A 179 7.23 9.26 -34.52
CA THR A 179 6.56 10.19 -33.63
C THR A 179 7.06 11.61 -33.88
N GLU A 180 6.31 12.58 -33.36
CA GLU A 180 6.71 13.97 -33.34
C GLU A 180 7.03 14.36 -31.91
N VAL A 181 8.25 14.87 -31.68
CA VAL A 181 8.63 15.33 -30.35
C VAL A 181 7.80 16.56 -30.00
N LEU A 182 7.03 16.45 -28.92
CA LEU A 182 6.11 17.52 -28.55
C LEU A 182 6.77 18.61 -27.71
N ASN A 183 7.84 18.29 -26.98
CA ASN A 183 8.53 19.28 -26.16
C ASN A 183 10.02 18.97 -26.18
N SER A 184 10.82 20.04 -26.12
CA SER A 184 12.26 19.90 -26.18
C SER A 184 12.81 19.50 -24.81
N ALA A 185 13.71 18.51 -24.79
CA ALA A 185 14.31 18.01 -23.57
C ALA A 185 15.45 17.07 -23.94
N VAL A 186 16.40 16.93 -23.02
CA VAL A 186 17.54 16.04 -23.18
C VAL A 186 17.34 14.82 -22.30
N ILE A 187 17.56 13.63 -22.87
CA ILE A 187 17.36 12.37 -22.16
C ILE A 187 18.60 11.50 -22.34
N GLY A 188 18.66 10.41 -21.58
CA GLY A 188 19.79 9.52 -21.60
C GLY A 188 19.48 8.12 -22.07
N GLU A 189 20.29 7.15 -21.66
CA GLU A 189 20.14 5.77 -22.09
C GLU A 189 19.22 5.00 -21.14
N ARG A 190 18.50 4.03 -21.70
CA ARG A 190 17.74 3.04 -20.94
C ARG A 190 16.74 3.70 -19.99
N LYS A 191 16.11 4.78 -20.44
CA LYS A 191 15.11 5.46 -19.64
C LYS A 191 13.76 4.79 -19.79
N ASN A 192 12.94 4.89 -18.74
CA ASN A 192 11.64 4.26 -18.74
C ASN A 192 10.70 4.94 -19.75
N MET A 193 9.64 4.22 -20.12
CA MET A 193 8.66 4.73 -21.06
C MET A 193 7.26 4.41 -20.56
N ASN A 194 6.31 5.25 -20.94
CA ASN A 194 4.91 5.07 -20.55
C ASN A 194 4.02 5.30 -21.76
N LEU A 195 2.94 4.52 -21.84
CA LEU A 195 2.01 4.55 -22.95
C LEU A 195 0.63 4.92 -22.43
N PRO A 196 0.38 6.21 -22.19
CA PRO A 196 -0.92 6.61 -21.61
C PRO A 196 -2.08 6.15 -22.46
N ASN A 197 -3.12 5.66 -21.78
CA ASN A 197 -4.38 5.22 -22.39
C ASN A 197 -4.22 4.00 -23.30
N VAL A 198 -3.12 3.26 -23.17
CA VAL A 198 -2.89 2.07 -23.99
C VAL A 198 -2.55 0.91 -23.06
N LYS A 199 -3.11 -0.26 -23.35
CA LYS A 199 -2.83 -1.45 -22.56
C LYS A 199 -1.48 -2.06 -22.97
N VAL A 200 -0.59 -2.24 -22.00
CA VAL A 200 0.72 -2.83 -22.26
C VAL A 200 0.56 -4.35 -22.29
N ASP A 201 0.90 -4.96 -23.43
CA ASP A 201 0.80 -6.41 -23.59
C ASP A 201 2.15 -7.04 -23.25
N LEU A 202 2.41 -7.11 -21.95
CA LEU A 202 3.56 -7.80 -21.40
C LEU A 202 3.09 -8.68 -20.25
N PRO A 203 3.76 -9.80 -20.01
CA PRO A 203 3.33 -10.69 -18.91
C PRO A 203 3.37 -9.95 -17.57
N ILE A 204 2.28 -10.06 -16.82
CA ILE A 204 2.23 -9.45 -15.49
C ILE A 204 3.32 -10.02 -14.61
N ILE A 205 3.62 -11.30 -14.77
CA ILE A 205 4.63 -12.00 -13.98
C ILE A 205 5.62 -12.61 -14.95
N SER A 206 6.84 -12.09 -14.95
CA SER A 206 7.91 -12.66 -15.76
C SER A 206 8.47 -13.90 -15.09
N GLU A 207 9.38 -14.58 -15.80
CA GLU A 207 10.08 -15.71 -15.20
C GLU A 207 10.90 -15.25 -14.00
N LYS A 208 11.42 -14.01 -14.05
CA LYS A 208 12.11 -13.46 -12.89
C LYS A 208 11.11 -13.17 -11.77
N ASP A 209 9.95 -12.61 -12.10
CA ASP A 209 8.91 -12.39 -11.09
C ASP A 209 8.42 -13.72 -10.52
N LYS A 210 8.28 -14.73 -11.39
CA LYS A 210 7.87 -16.05 -10.93
C LYS A 210 8.87 -16.61 -9.91
N ASN A 211 10.16 -16.38 -10.15
CA ASN A 211 11.18 -16.90 -9.24
C ASN A 211 11.13 -16.20 -7.89
N ASP A 212 10.93 -14.88 -7.89
CA ASP A 212 10.85 -14.14 -6.63
C ASP A 212 9.65 -14.57 -5.80
N ILE A 213 8.55 -14.95 -6.45
CA ILE A 213 7.36 -15.37 -5.73
C ILE A 213 7.53 -16.77 -5.16
N LEU A 214 7.84 -17.74 -6.04
CA LEU A 214 7.87 -19.13 -5.63
C LEU A 214 9.12 -19.49 -4.84
N ASN A 215 10.24 -18.79 -5.08
CA ASN A 215 11.51 -19.14 -4.45
C ASN A 215 11.97 -18.11 -3.42
N PHE A 216 11.23 -17.03 -3.21
CA PHE A 216 11.54 -16.12 -2.10
C PHE A 216 10.29 -15.88 -1.26
N ALA A 217 9.24 -15.32 -1.88
CA ALA A 217 8.07 -14.91 -1.11
C ALA A 217 7.49 -16.07 -0.32
N ILE A 218 7.24 -17.20 -0.99
CA ILE A 218 6.67 -18.37 -0.33
C ILE A 218 7.67 -18.98 0.66
N PRO A 219 8.93 -19.22 0.29
CA PRO A 219 9.86 -19.80 1.28
C PRO A 219 10.15 -18.88 2.46
N MET A 220 10.41 -17.60 2.21
CA MET A 220 10.71 -16.68 3.31
C MET A 220 9.48 -16.29 4.12
N GLY A 221 8.29 -16.64 3.65
CA GLY A 221 7.08 -16.33 4.41
C GLY A 221 6.55 -14.92 4.23
N CYS A 222 6.73 -14.32 3.05
CA CYS A 222 6.17 -13.00 2.78
C CYS A 222 4.65 -13.05 2.90
N ASN A 223 4.07 -11.95 3.41
CA ASN A 223 2.64 -11.88 3.66
C ASN A 223 1.86 -11.21 2.53
N PHE A 224 2.50 -10.34 1.75
CA PHE A 224 1.83 -9.60 0.70
C PHE A 224 2.67 -9.61 -0.56
N ILE A 225 2.01 -9.75 -1.70
CA ILE A 225 2.62 -9.51 -3.00
C ILE A 225 1.99 -8.24 -3.57
N ALA A 226 2.75 -7.15 -3.57
CA ALA A 226 2.35 -5.95 -4.30
C ALA A 226 2.71 -6.17 -5.76
N ALA A 227 1.71 -6.45 -6.59
CA ALA A 227 1.94 -6.79 -7.99
C ALA A 227 1.97 -5.53 -8.83
N SER A 228 3.15 -5.18 -9.34
CA SER A 228 3.29 -3.98 -10.14
C SER A 228 2.48 -4.08 -11.43
N PHE A 229 1.80 -2.98 -11.78
CA PHE A 229 1.21 -2.79 -13.10
C PHE A 229 0.10 -3.81 -13.39
N ILE A 230 -0.80 -3.99 -12.43
CA ILE A 230 -1.96 -4.84 -12.64
C ILE A 230 -2.94 -4.13 -13.57
N GLN A 231 -3.40 -4.83 -14.61
CA GLN A 231 -4.26 -4.23 -15.61
C GLN A 231 -5.61 -4.93 -15.76
N SER A 232 -5.84 -6.04 -15.07
CA SER A 232 -7.09 -6.78 -15.24
C SER A 232 -7.27 -7.75 -14.09
N ALA A 233 -8.50 -8.22 -13.93
CA ALA A 233 -8.77 -9.27 -12.96
C ALA A 233 -8.03 -10.55 -13.32
N ASP A 234 -7.82 -10.80 -14.63
CA ASP A 234 -7.09 -11.99 -15.05
C ASP A 234 -5.65 -11.96 -14.54
N ASP A 235 -5.03 -10.78 -14.50
CA ASP A 235 -3.70 -10.67 -13.92
C ASP A 235 -3.70 -11.14 -12.48
N VAL A 236 -4.73 -10.77 -11.71
CA VAL A 236 -4.81 -11.17 -10.31
C VAL A 236 -5.01 -12.68 -10.20
N ARG A 237 -5.91 -13.24 -11.01
CA ARG A 237 -6.18 -14.67 -10.94
C ARG A 237 -4.95 -15.48 -11.35
N LEU A 238 -4.17 -14.96 -12.30
CA LEU A 238 -2.92 -15.62 -12.66
C LEU A 238 -2.00 -15.73 -11.46
N ILE A 239 -1.83 -14.64 -10.71
CA ILE A 239 -0.97 -14.65 -9.54
C ILE A 239 -1.57 -15.54 -8.45
N ARG A 240 -2.90 -15.58 -8.35
CA ARG A 240 -3.54 -16.47 -7.38
C ARG A 240 -3.26 -17.93 -7.70
N ASN A 241 -3.38 -18.30 -8.98
CA ASN A 241 -3.09 -19.67 -9.39
C ASN A 241 -1.61 -19.99 -9.23
N LEU A 242 -0.74 -19.02 -9.53
CA LEU A 242 0.69 -19.25 -9.39
C LEU A 242 1.07 -19.48 -7.94
N LEU A 243 0.44 -18.74 -7.02
CA LEU A 243 0.71 -18.96 -5.60
C LEU A 243 0.25 -20.35 -5.17
N GLY A 244 -0.90 -20.80 -5.67
CA GLY A 244 -1.40 -22.12 -5.40
C GLY A 244 -1.63 -22.39 -3.93
N PRO A 245 -1.83 -23.66 -3.57
CA PRO A 245 -1.97 -24.00 -2.15
C PRO A 245 -0.77 -23.61 -1.31
N ARG A 246 0.44 -23.60 -1.87
CA ARG A 246 1.61 -23.19 -1.12
C ARG A 246 1.53 -21.73 -0.69
N GLY A 247 0.88 -20.89 -1.49
CA GLY A 247 0.77 -19.48 -1.18
C GLY A 247 -0.66 -19.04 -0.90
N ARG A 248 -1.48 -19.97 -0.42
CA ARG A 248 -2.88 -19.67 -0.14
C ARG A 248 -3.02 -18.49 0.81
N HIS A 249 -2.13 -18.40 1.80
CA HIS A 249 -2.22 -17.39 2.84
C HIS A 249 -1.52 -16.09 2.49
N ILE A 250 -0.92 -15.98 1.31
CA ILE A 250 -0.27 -14.75 0.87
C ILE A 250 -1.29 -13.85 0.20
N LYS A 251 -1.35 -12.60 0.63
CA LYS A 251 -2.30 -11.64 0.08
C LYS A 251 -1.76 -11.01 -1.20
N ILE A 252 -2.64 -10.85 -2.18
CA ILE A 252 -2.29 -10.19 -3.44
C ILE A 252 -2.78 -8.75 -3.38
N ILE A 253 -1.85 -7.80 -3.49
CA ILE A 253 -2.16 -6.38 -3.48
C ILE A 253 -1.82 -5.77 -4.84
N PRO A 254 -2.77 -5.69 -5.76
CA PRO A 254 -2.49 -5.07 -7.07
C PRO A 254 -2.08 -3.61 -6.93
N LYS A 255 -1.07 -3.23 -7.70
CA LYS A 255 -0.66 -1.83 -7.82
C LYS A 255 -1.34 -1.24 -9.05
N ILE A 256 -2.21 -0.26 -8.83
CA ILE A 256 -2.87 0.45 -9.93
C ILE A 256 -1.92 1.53 -10.43
N GLU A 257 -1.49 1.40 -11.69
CA GLU A 257 -0.43 2.23 -12.22
C GLU A 257 -0.74 2.89 -13.56
N ASN A 258 -1.85 2.56 -14.21
CA ASN A 258 -2.15 3.09 -15.53
C ASN A 258 -3.65 3.11 -15.73
N ILE A 259 -4.06 3.56 -16.91
CA ILE A 259 -5.48 3.77 -17.19
C ILE A 259 -6.24 2.45 -17.23
N GLU A 260 -5.60 1.38 -17.69
CA GLU A 260 -6.26 0.08 -17.70
C GLU A 260 -6.65 -0.36 -16.30
N GLY A 261 -5.76 -0.19 -15.33
CA GLY A 261 -6.09 -0.52 -13.96
C GLY A 261 -7.22 0.32 -13.40
N ILE A 262 -7.33 1.57 -13.84
CA ILE A 262 -8.44 2.42 -13.41
C ILE A 262 -9.74 1.96 -14.05
N ILE A 263 -9.71 1.67 -15.35
CA ILE A 263 -10.92 1.29 -16.08
C ILE A 263 -11.52 0.02 -15.49
N HIS A 264 -10.69 -0.98 -15.23
CA HIS A 264 -11.12 -2.27 -14.71
C HIS A 264 -10.95 -2.38 -13.20
N PHE A 265 -10.97 -1.25 -12.49
CA PHE A 265 -10.63 -1.27 -11.07
C PHE A 265 -11.61 -2.12 -10.26
N ASP A 266 -12.90 -2.01 -10.56
CA ASP A 266 -13.90 -2.73 -9.78
C ASP A 266 -13.66 -4.24 -9.83
N LYS A 267 -13.41 -4.77 -11.04
CA LYS A 267 -13.16 -6.21 -11.17
C LYS A 267 -11.81 -6.60 -10.59
N ILE A 268 -10.81 -5.73 -10.72
CA ILE A 268 -9.52 -5.99 -10.09
C ILE A 268 -9.67 -6.05 -8.58
N LEU A 269 -10.43 -5.12 -8.01
CA LEU A 269 -10.62 -5.08 -6.56
C LEU A 269 -11.33 -6.33 -6.05
N ALA A 270 -12.34 -6.80 -6.80
CA ALA A 270 -13.11 -7.97 -6.36
C ALA A 270 -12.22 -9.20 -6.23
N GLU A 271 -11.21 -9.34 -7.09
CA GLU A 271 -10.29 -10.46 -7.00
C GLU A 271 -9.16 -10.23 -6.01
N SER A 272 -8.95 -9.00 -5.56
CA SER A 272 -7.80 -8.63 -4.76
C SER A 272 -8.07 -8.81 -3.27
N ASP A 273 -6.97 -8.84 -2.51
CA ASP A 273 -7.01 -8.73 -1.06
C ASP A 273 -6.80 -7.30 -0.59
N GLY A 274 -6.56 -6.38 -1.52
CA GLY A 274 -6.24 -5.01 -1.17
C GLY A 274 -5.69 -4.30 -2.40
N ILE A 275 -5.40 -3.01 -2.23
CA ILE A 275 -5.01 -2.16 -3.35
C ILE A 275 -3.86 -1.26 -2.90
N MET A 276 -2.91 -1.05 -3.82
CA MET A 276 -1.86 -0.04 -3.65
C MET A 276 -2.02 0.99 -4.77
N ILE A 277 -2.19 2.25 -4.40
CA ILE A 277 -2.25 3.34 -5.37
C ILE A 277 -0.82 3.82 -5.61
N ALA A 278 -0.28 3.50 -6.79
CA ALA A 278 1.06 3.97 -7.16
C ALA A 278 0.92 5.30 -7.90
N ARG A 279 0.80 6.36 -7.11
CA ARG A 279 0.42 7.66 -7.67
C ARG A 279 1.52 8.24 -8.57
N GLY A 280 2.79 8.06 -8.19
CA GLY A 280 3.87 8.55 -9.02
C GLY A 280 3.86 7.92 -10.40
N ASP A 281 3.74 6.59 -10.45
CA ASP A 281 3.62 5.91 -11.74
C ASP A 281 2.30 6.24 -12.43
N LEU A 282 1.23 6.44 -11.66
CA LEU A 282 -0.05 6.85 -12.23
C LEU A 282 0.05 8.22 -12.89
N GLY A 283 0.87 9.12 -12.33
CA GLY A 283 1.00 10.44 -12.91
C GLY A 283 1.62 10.45 -14.29
N MET A 284 2.31 9.37 -14.66
CA MET A 284 2.88 9.22 -15.99
C MET A 284 1.91 8.62 -16.99
N GLU A 285 0.64 8.47 -16.62
CA GLU A 285 -0.35 7.82 -17.48
C GLU A 285 -1.61 8.67 -17.58
N ILE A 286 -1.88 9.48 -16.56
CA ILE A 286 -3.00 10.40 -16.55
C ILE A 286 -2.49 11.81 -16.25
N SER A 287 -3.33 12.79 -16.55
CA SER A 287 -2.97 14.18 -16.31
C SER A 287 -2.68 14.39 -14.83
N PRO A 288 -1.73 15.28 -14.50
CA PRO A 288 -1.42 15.50 -13.08
C PRO A 288 -2.62 15.93 -12.26
N GLU A 289 -3.52 16.72 -12.83
CA GLU A 289 -4.69 17.23 -12.11
C GLU A 289 -5.77 16.17 -11.92
N LYS A 290 -5.60 14.97 -12.48
CA LYS A 290 -6.59 13.91 -12.31
C LYS A 290 -6.21 12.89 -11.25
N VAL A 291 -4.97 12.92 -10.76
CA VAL A 291 -4.49 11.84 -9.89
C VAL A 291 -5.25 11.83 -8.57
N PHE A 292 -5.53 13.01 -8.01
CA PHE A 292 -6.28 13.05 -6.76
C PHE A 292 -7.70 12.53 -6.93
N LEU A 293 -8.26 12.65 -8.15
CA LEU A 293 -9.56 12.05 -8.42
C LEU A 293 -9.49 10.54 -8.31
N ALA A 294 -8.45 9.94 -8.91
CA ALA A 294 -8.30 8.49 -8.87
C ALA A 294 -8.04 8.00 -7.45
N GLN A 295 -7.20 8.73 -6.69
CA GLN A 295 -6.91 8.33 -5.32
C GLN A 295 -8.18 8.29 -4.47
N LYS A 296 -8.95 9.38 -4.49
CA LYS A 296 -10.13 9.45 -3.63
C LYS A 296 -11.20 8.45 -4.05
N LEU A 297 -11.34 8.23 -5.35
CA LEU A 297 -12.31 7.23 -5.81
C LEU A 297 -11.89 5.82 -5.41
N MET A 298 -10.60 5.49 -5.57
CA MET A 298 -10.15 4.15 -5.21
C MET A 298 -10.22 3.92 -3.71
N ILE A 299 -9.86 4.93 -2.91
CA ILE A 299 -9.96 4.79 -1.45
C ILE A 299 -11.41 4.57 -1.05
N SER A 300 -12.33 5.31 -1.66
CA SER A 300 -13.75 5.18 -1.30
C SER A 300 -14.30 3.81 -1.68
N LYS A 301 -13.93 3.30 -2.86
CA LYS A 301 -14.41 1.98 -3.26
C LYS A 301 -13.83 0.89 -2.37
N CYS A 302 -12.56 1.00 -2.00
CA CYS A 302 -11.97 0.01 -1.09
C CYS A 302 -12.61 0.07 0.28
N ASN A 303 -12.89 1.28 0.77
CA ASN A 303 -13.53 1.43 2.08
C ASN A 303 -14.88 0.73 2.11
N LEU A 304 -15.67 0.90 1.05
CA LEU A 304 -17.01 0.32 1.03
C LEU A 304 -17.00 -1.19 0.84
N GLN A 305 -15.91 -1.74 0.30
CA GLN A 305 -15.78 -3.19 0.21
C GLN A 305 -15.14 -3.81 1.43
N GLY A 306 -14.60 -3.00 2.34
CA GLY A 306 -13.82 -3.54 3.43
C GLY A 306 -12.45 -4.04 3.02
N LYS A 307 -11.97 -3.64 1.84
CA LYS A 307 -10.65 -4.03 1.35
C LYS A 307 -9.63 -2.96 1.68
N PRO A 308 -8.47 -3.33 2.20
CA PRO A 308 -7.48 -2.32 2.61
C PRO A 308 -6.81 -1.67 1.41
N ILE A 309 -6.34 -0.44 1.60
CA ILE A 309 -5.72 0.32 0.52
C ILE A 309 -4.50 1.05 1.06
N ILE A 310 -3.42 1.00 0.27
CA ILE A 310 -2.16 1.67 0.59
C ILE A 310 -2.00 2.84 -0.36
N THR A 311 -1.83 4.05 0.18
CA THR A 311 -1.48 5.20 -0.62
C THR A 311 0.03 5.30 -0.72
N ALA A 312 0.54 5.45 -1.94
CA ALA A 312 1.92 5.11 -2.27
C ALA A 312 2.39 6.05 -3.38
N THR A 313 3.70 6.11 -3.63
CA THR A 313 4.76 5.28 -3.03
C THR A 313 5.77 6.08 -2.20
N GLN A 314 5.71 7.41 -2.30
CA GLN A 314 6.78 8.26 -1.80
C GLN A 314 6.15 9.56 -1.29
N MET A 315 5.36 9.47 -0.21
CA MET A 315 4.59 10.60 0.27
C MET A 315 5.41 11.65 1.01
N LEU A 316 6.66 11.36 1.36
CA LEU A 316 7.51 12.39 1.96
C LEU A 316 8.80 12.52 1.16
N GLU A 317 8.64 12.60 -0.17
CA GLU A 317 9.74 12.39 -1.11
C GLU A 317 10.92 13.31 -0.82
N SER A 318 10.65 14.57 -0.44
CA SER A 318 11.74 15.51 -0.20
C SER A 318 12.58 15.14 1.02
N MET A 319 12.02 14.37 1.95
CA MET A 319 12.74 14.03 3.17
C MET A 319 13.94 13.11 2.91
N THR A 320 13.99 12.47 1.74
CA THR A 320 15.13 11.64 1.42
C THR A 320 16.38 12.47 1.12
N LYS A 321 16.25 13.79 1.02
CA LYS A 321 17.38 14.72 1.09
C LYS A 321 17.31 15.68 2.26
N ASN A 322 16.09 16.17 2.65
CA ASN A 322 15.83 17.21 3.64
C ASN A 322 15.49 16.61 5.00
N PRO A 323 15.86 17.26 6.09
CA PRO A 323 15.47 16.77 7.43
C PRO A 323 14.02 17.05 7.78
N ARG A 324 13.30 17.81 6.95
CA ARG A 324 11.91 18.14 7.20
C ARG A 324 11.17 18.12 5.87
N PRO A 325 9.95 17.58 5.84
CA PRO A 325 9.19 17.53 4.59
C PRO A 325 8.69 18.90 4.18
N THR A 326 8.26 19.01 2.93
CA THR A 326 7.58 20.22 2.49
C THR A 326 6.18 20.28 3.08
N ARG A 327 5.60 21.48 3.04
CA ARG A 327 4.25 21.66 3.57
C ARG A 327 3.24 20.83 2.78
N ALA A 328 3.41 20.76 1.46
CA ALA A 328 2.47 20.03 0.63
C ALA A 328 2.54 18.54 0.91
N GLU A 329 3.75 18.02 1.19
CA GLU A 329 3.87 16.60 1.51
C GLU A 329 3.17 16.28 2.83
N VAL A 330 3.23 17.19 3.81
CA VAL A 330 2.57 16.97 5.09
C VAL A 330 1.06 16.95 4.91
N THR A 331 0.52 17.91 4.16
CA THR A 331 -0.91 17.96 3.92
C THR A 331 -1.38 16.76 3.12
N ASP A 332 -0.54 16.28 2.19
CA ASP A 332 -0.90 15.12 1.39
C ASP A 332 -1.09 13.88 2.25
N VAL A 333 -0.20 13.67 3.22
CA VAL A 333 -0.34 12.54 4.13
C VAL A 333 -1.62 12.68 4.95
N ALA A 334 -1.84 13.88 5.50
CA ALA A 334 -3.02 14.08 6.36
C ALA A 334 -4.31 13.85 5.60
N ASN A 335 -4.40 14.34 4.36
CA ASN A 335 -5.63 14.19 3.59
C ASN A 335 -5.84 12.76 3.13
N ALA A 336 -4.76 12.02 2.86
CA ALA A 336 -4.91 10.60 2.53
C ALA A 336 -5.54 9.84 3.69
N VAL A 337 -5.14 10.17 4.92
CA VAL A 337 -5.75 9.56 6.09
C VAL A 337 -7.23 9.95 6.18
N LEU A 338 -7.52 11.24 6.00
CA LEU A 338 -8.90 11.69 6.06
C LEU A 338 -9.73 11.09 4.93
N ASP A 339 -9.13 10.90 3.76
CA ASP A 339 -9.81 10.19 2.68
C ASP A 339 -10.27 8.81 3.14
N GLY A 340 -9.46 8.14 3.96
CA GLY A 340 -9.80 6.84 4.46
C GLY A 340 -8.80 5.75 4.11
N THR A 341 -7.56 6.14 3.82
CA THR A 341 -6.54 5.15 3.48
C THR A 341 -6.24 4.28 4.70
N ASP A 342 -5.99 3.00 4.44
CA ASP A 342 -5.60 2.10 5.52
C ASP A 342 -4.13 2.27 5.87
N ALA A 343 -3.30 2.53 4.87
CA ALA A 343 -1.87 2.59 5.07
C ALA A 343 -1.26 3.61 4.13
N VAL A 344 -0.07 4.08 4.51
CA VAL A 344 0.70 5.05 3.75
C VAL A 344 2.11 4.49 3.62
N MET A 345 2.82 4.95 2.59
CA MET A 345 4.04 4.29 2.17
C MET A 345 5.18 5.28 1.98
N LEU A 346 6.39 4.81 2.32
CA LEU A 346 7.63 5.52 2.06
C LEU A 346 8.52 4.64 1.20
N SER A 347 9.21 5.25 0.25
CA SER A 347 10.08 4.50 -0.66
C SER A 347 11.53 4.89 -0.46
N GLY A 348 12.01 5.86 -1.24
CA GLY A 348 13.38 6.32 -1.10
C GLY A 348 13.70 6.95 0.23
N GLU A 349 12.68 7.45 0.94
CA GLU A 349 12.91 8.09 2.23
C GLU A 349 13.55 7.14 3.23
N THR A 350 13.17 5.86 3.18
CA THR A 350 13.74 4.87 4.07
C THR A 350 14.72 3.93 3.40
N ALA A 351 14.66 3.78 2.08
CA ALA A 351 15.52 2.82 1.40
C ALA A 351 16.95 3.34 1.25
N GLY A 352 17.11 4.60 0.85
CA GLY A 352 18.43 5.12 0.59
C GLY A 352 18.67 6.54 1.06
N GLY A 353 17.66 7.15 1.68
CA GLY A 353 17.73 8.53 2.08
C GLY A 353 18.59 8.77 3.31
N LYS A 354 18.75 10.05 3.63
CA LYS A 354 19.54 10.48 4.78
C LYS A 354 18.74 10.49 6.08
N PHE A 355 17.42 10.65 6.01
CA PHE A 355 16.58 10.77 7.20
C PHE A 355 15.47 9.72 7.18
N PRO A 356 15.82 8.43 7.29
CA PRO A 356 14.78 7.39 7.27
C PRO A 356 13.94 7.40 8.54
N VAL A 357 14.59 7.45 9.71
CA VAL A 357 13.87 7.45 10.97
C VAL A 357 13.08 8.75 11.11
N GLU A 358 13.65 9.87 10.68
CA GLU A 358 12.95 11.14 10.75
C GLU A 358 11.70 11.14 9.86
N ALA A 359 11.74 10.42 8.74
CA ALA A 359 10.59 10.38 7.84
C ALA A 359 9.44 9.58 8.44
N VAL A 360 9.75 8.42 8.99
CA VAL A 360 8.70 7.59 9.61
C VAL A 360 8.13 8.29 10.83
N THR A 361 8.98 9.02 11.57
CA THR A 361 8.53 9.69 12.79
C THR A 361 7.47 10.74 12.49
N ILE A 362 7.77 11.64 11.54
CA ILE A 362 6.82 12.69 11.21
C ILE A 362 5.59 12.11 10.53
N MET A 363 5.74 11.05 9.74
CA MET A 363 4.59 10.42 9.12
C MET A 363 3.62 9.90 10.18
N SER A 364 4.16 9.27 11.23
CA SER A 364 3.32 8.80 12.33
C SER A 364 2.61 9.95 13.02
N LYS A 365 3.33 11.05 13.25
CA LYS A 365 2.73 12.20 13.92
C LYS A 365 1.60 12.80 13.09
N ILE A 366 1.79 12.89 11.77
CA ILE A 366 0.73 13.42 10.92
C ILE A 366 -0.51 12.52 10.98
N CYS A 367 -0.30 11.20 10.92
CA CYS A 367 -1.42 10.27 10.98
C CYS A 367 -2.19 10.41 12.28
N LEU A 368 -1.49 10.55 13.40
CA LEU A 368 -2.16 10.71 14.68
C LEU A 368 -2.98 11.99 14.73
N GLU A 369 -2.48 13.07 14.13
CA GLU A 369 -3.25 14.32 14.11
C GLU A 369 -4.49 14.18 13.24
N ALA A 370 -4.34 13.60 12.05
CA ALA A 370 -5.50 13.41 11.18
C ALA A 370 -6.50 12.44 11.80
N GLU A 371 -6.01 11.38 12.45
CA GLU A 371 -6.91 10.42 13.09
C GLU A 371 -7.73 11.07 14.21
N ALA A 372 -7.12 12.00 14.96
CA ALA A 372 -7.85 12.69 16.00
C ALA A 372 -8.88 13.66 15.43
N CYS A 373 -8.77 14.01 14.13
CA CYS A 373 -9.77 14.88 13.49
C CYS A 373 -11.09 14.17 13.30
N ILE A 374 -11.03 12.87 12.99
CA ILE A 374 -12.18 12.17 12.41
C ILE A 374 -13.35 12.16 13.38
N ASP A 375 -14.53 12.53 12.87
CA ASP A 375 -15.79 12.30 13.57
C ASP A 375 -16.20 10.87 13.29
N TYR A 376 -15.98 9.97 14.25
CA TYR A 376 -16.14 8.54 13.99
C TYR A 376 -17.60 8.13 13.93
N LYS A 377 -18.48 8.79 14.67
CA LYS A 377 -19.90 8.49 14.56
C LYS A 377 -20.42 8.83 13.17
N LEU A 378 -20.10 10.04 12.68
CA LEU A 378 -20.50 10.42 11.33
C LEU A 378 -19.86 9.50 10.29
N LEU A 379 -18.59 9.14 10.49
CA LEU A 379 -17.94 8.19 9.59
C LEU A 379 -18.66 6.86 9.59
N TYR A 380 -19.07 6.38 10.78
CA TYR A 380 -19.77 5.10 10.87
C TYR A 380 -21.08 5.14 10.11
N GLN A 381 -21.89 6.20 10.31
CA GLN A 381 -23.17 6.28 9.64
C GLN A 381 -23.00 6.43 8.13
N SER A 382 -21.96 7.14 7.70
CA SER A 382 -21.69 7.23 6.26
C SER A 382 -21.47 5.85 5.67
N LEU A 383 -20.78 4.97 6.40
CA LEU A 383 -20.54 3.63 5.91
C LEU A 383 -21.83 2.82 5.90
N VAL A 384 -22.60 2.89 7.00
CA VAL A 384 -23.83 2.10 7.10
C VAL A 384 -24.83 2.53 6.03
N ASN A 385 -24.94 3.83 5.77
CA ASN A 385 -25.91 4.32 4.79
C ASN A 385 -25.55 3.92 3.36
N ALA A 386 -24.28 3.65 3.08
CA ALA A 386 -23.85 3.38 1.71
C ALA A 386 -23.60 1.90 1.43
N ILE A 387 -23.57 1.06 2.45
CA ILE A 387 -23.35 -0.37 2.25
C ILE A 387 -24.66 -1.04 1.88
N GLU A 388 -24.59 -2.01 0.96
CA GLU A 388 -25.79 -2.71 0.49
C GLU A 388 -26.57 -3.28 1.66
N THR A 389 -27.90 -3.17 1.58
CA THR A 389 -28.74 -3.42 2.75
C THR A 389 -28.67 -4.84 3.28
N PRO A 390 -28.77 -5.92 2.46
CA PRO A 390 -28.70 -7.26 3.06
C PRO A 390 -27.30 -7.62 3.52
N ILE A 391 -27.09 -7.64 4.83
CA ILE A 391 -25.80 -7.97 5.40
C ILE A 391 -25.91 -9.27 6.18
N SER A 392 -24.81 -10.01 6.24
CA SER A 392 -24.80 -11.30 6.90
C SER A 392 -24.83 -11.14 8.42
N VAL A 393 -25.04 -12.27 9.10
CA VAL A 393 -24.98 -12.28 10.56
C VAL A 393 -23.61 -11.83 11.04
N GLN A 394 -22.54 -12.30 10.39
CA GLN A 394 -21.19 -11.96 10.82
C GLN A 394 -20.95 -10.46 10.69
N GLU A 395 -21.45 -9.84 9.62
CA GLU A 395 -21.25 -8.41 9.45
C GLU A 395 -22.08 -7.62 10.47
N ALA A 396 -23.30 -8.09 10.76
CA ALA A 396 -24.15 -7.39 11.71
C ALA A 396 -23.54 -7.39 13.11
N VAL A 397 -22.94 -8.50 13.52
CA VAL A 397 -22.33 -8.58 14.83
C VAL A 397 -21.08 -7.71 14.89
N ALA A 398 -20.28 -7.72 13.82
CA ALA A 398 -19.13 -6.81 13.76
C ALA A 398 -19.58 -5.36 13.77
N ARG A 399 -20.67 -5.05 13.07
CA ARG A 399 -21.27 -3.72 13.15
C ARG A 399 -21.61 -3.36 14.59
N SER A 400 -22.27 -4.29 15.29
CA SER A 400 -22.70 -4.02 16.66
C SER A 400 -21.52 -3.81 17.60
N ALA A 401 -20.39 -4.47 17.33
CA ALA A 401 -19.21 -4.27 18.16
C ALA A 401 -18.65 -2.85 18.02
N VAL A 402 -18.51 -2.38 16.79
CA VAL A 402 -18.07 -1.01 16.54
C VAL A 402 -19.05 -0.02 17.15
N GLU A 403 -20.35 -0.25 16.94
CA GLU A 403 -21.40 0.61 17.48
C GLU A 403 -21.39 0.65 18.99
N THR A 404 -21.36 -0.53 19.61
CA THR A 404 -21.38 -0.58 21.06
C THR A 404 -20.14 0.07 21.64
N ALA A 405 -18.99 -0.15 21.00
CA ALA A 405 -17.75 0.45 21.48
C ALA A 405 -17.85 1.97 21.48
N GLU A 406 -18.41 2.56 20.42
CA GLU A 406 -18.54 4.01 20.37
C GLU A 406 -19.51 4.52 21.42
N SER A 407 -20.61 3.80 21.64
CA SER A 407 -21.63 4.25 22.57
C SER A 407 -21.11 4.29 24.01
N ILE A 408 -20.39 3.26 24.43
CA ILE A 408 -19.88 3.18 25.79
C ILE A 408 -18.45 3.70 25.91
N GLN A 409 -17.85 4.17 24.81
CA GLN A 409 -16.47 4.64 24.79
C GLN A 409 -15.51 3.55 25.24
N ALA A 410 -15.69 2.36 24.68
CA ALA A 410 -14.79 1.25 24.97
C ALA A 410 -13.39 1.57 24.48
N SER A 411 -12.39 1.09 25.23
CA SER A 411 -11.00 1.35 24.87
C SER A 411 -10.47 0.37 23.83
N LEU A 412 -11.11 -0.79 23.67
CA LEU A 412 -10.60 -1.84 22.79
C LEU A 412 -11.75 -2.69 22.27
N ILE A 413 -11.61 -3.14 21.03
CA ILE A 413 -12.44 -4.23 20.50
C ILE A 413 -11.51 -5.44 20.33
N ILE A 414 -11.75 -6.48 21.14
CA ILE A 414 -10.95 -7.69 21.07
C ILE A 414 -11.67 -8.68 20.15
N ALA A 415 -10.98 -9.11 19.09
CA ALA A 415 -11.57 -9.97 18.08
C ALA A 415 -10.78 -11.27 18.00
N LEU A 416 -11.45 -12.39 18.28
CA LEU A 416 -10.86 -13.70 18.11
C LEU A 416 -11.10 -14.16 16.67
N THR A 417 -10.03 -14.52 15.97
CA THR A 417 -10.17 -14.82 14.55
C THR A 417 -9.09 -15.77 14.10
N GLU A 418 -9.49 -16.83 13.41
CA GLU A 418 -8.50 -17.76 12.86
C GLU A 418 -7.94 -17.24 11.54
N THR A 419 -8.81 -16.87 10.61
CA THR A 419 -8.42 -16.43 9.28
C THR A 419 -8.26 -14.92 9.15
N GLY A 420 -8.65 -14.15 10.18
CA GLY A 420 -8.66 -12.71 10.08
C GLY A 420 -9.97 -12.10 9.63
N TYR A 421 -10.91 -12.93 9.17
CA TYR A 421 -12.15 -12.41 8.59
C TYR A 421 -12.92 -11.55 9.59
N THR A 422 -12.99 -11.98 10.85
CA THR A 422 -13.73 -11.22 11.86
C THR A 422 -13.12 -9.84 12.07
N ALA A 423 -11.80 -9.77 12.19
CA ALA A 423 -11.13 -8.48 12.36
C ALA A 423 -11.29 -7.60 11.12
N ARG A 424 -11.31 -8.21 9.93
CA ARG A 424 -11.52 -7.42 8.71
C ARG A 424 -12.91 -6.82 8.69
N LEU A 425 -13.93 -7.59 9.09
CA LEU A 425 -15.29 -7.07 9.14
C LEU A 425 -15.40 -5.89 10.10
N ILE A 426 -14.73 -5.98 11.24
CA ILE A 426 -14.75 -4.88 12.21
C ILE A 426 -14.02 -3.66 11.64
N ALA A 427 -12.84 -3.88 11.05
CA ALA A 427 -12.07 -2.77 10.51
C ALA A 427 -12.82 -2.04 9.40
N LYS A 428 -13.69 -2.76 8.69
CA LYS A 428 -14.50 -2.15 7.64
C LYS A 428 -15.34 -1.00 8.17
N TYR A 429 -15.72 -1.03 9.45
CA TYR A 429 -16.60 -0.03 10.03
C TYR A 429 -15.86 1.02 10.84
N LYS A 430 -14.53 1.00 10.81
CA LYS A 430 -13.67 2.08 11.30
C LYS A 430 -13.98 2.51 12.73
N PRO A 431 -13.81 1.64 13.72
CA PRO A 431 -14.03 2.07 15.11
C PRO A 431 -12.99 3.09 15.53
N SER A 432 -13.38 3.98 16.45
CA SER A 432 -12.45 4.95 16.99
C SER A 432 -11.42 4.34 17.92
N CYS A 433 -11.64 3.11 18.39
CA CYS A 433 -10.70 2.43 19.27
C CYS A 433 -9.95 1.35 18.52
N THR A 434 -8.82 0.94 19.10
CA THR A 434 -7.99 -0.09 18.49
C THR A 434 -8.72 -1.42 18.44
N ILE A 435 -8.51 -2.15 17.35
CA ILE A 435 -8.97 -3.53 17.22
C ILE A 435 -7.80 -4.43 17.57
N LEU A 436 -7.95 -5.23 18.62
CA LEU A 436 -6.93 -6.20 19.03
C LEU A 436 -7.37 -7.58 18.55
N ALA A 437 -6.76 -8.04 17.45
CA ALA A 437 -7.09 -9.33 16.88
C ALA A 437 -6.20 -10.42 17.48
N LEU A 438 -6.83 -11.50 17.94
CA LEU A 438 -6.13 -12.65 18.50
C LEU A 438 -6.26 -13.83 17.56
N SER A 439 -5.13 -14.43 17.20
CA SER A 439 -5.12 -15.51 16.23
C SER A 439 -4.04 -16.51 16.58
N ALA A 440 -4.34 -17.80 16.37
CA ALA A 440 -3.32 -18.83 16.44
C ALA A 440 -2.53 -18.95 15.14
N SER A 441 -3.02 -18.36 14.05
CA SER A 441 -2.33 -18.41 12.77
C SER A 441 -1.23 -17.36 12.73
N ASP A 442 0.02 -17.81 12.53
CA ASP A 442 1.10 -16.85 12.31
C ASP A 442 0.92 -16.09 11.01
N SER A 443 0.25 -16.70 10.04
CA SER A 443 -0.08 -15.99 8.80
C SER A 443 -1.07 -14.87 9.06
N THR A 444 -2.12 -15.14 9.85
CA THR A 444 -3.16 -14.15 10.07
C THR A 444 -2.63 -12.94 10.84
N VAL A 445 -1.84 -13.18 11.89
CA VAL A 445 -1.34 -12.09 12.72
C VAL A 445 -0.36 -11.18 11.98
N LYS A 446 0.13 -11.59 10.82
CA LYS A 446 1.02 -10.76 10.03
C LYS A 446 0.38 -10.24 8.75
N CYS A 447 -0.83 -10.70 8.42
CA CYS A 447 -1.55 -10.18 7.25
C CYS A 447 -2.50 -9.05 7.61
N LEU A 448 -3.03 -9.04 8.84
CA LEU A 448 -3.96 -8.00 9.24
C LEU A 448 -3.30 -6.64 9.41
N ASN A 449 -1.96 -6.58 9.37
CA ASN A 449 -1.23 -5.32 9.44
C ASN A 449 -1.71 -4.30 8.41
N VAL A 450 -2.20 -4.78 7.26
CA VAL A 450 -2.59 -3.87 6.19
C VAL A 450 -3.92 -3.17 6.46
N HIS A 451 -4.67 -3.61 7.46
CA HIS A 451 -5.95 -3.00 7.79
C HIS A 451 -5.75 -1.91 8.83
N ARG A 452 -6.39 -0.76 8.61
CA ARG A 452 -6.31 0.34 9.56
C ARG A 452 -6.84 -0.10 10.93
N GLY A 453 -6.12 0.29 11.98
CA GLY A 453 -6.58 0.15 13.34
C GLY A 453 -6.49 -1.24 13.94
N VAL A 454 -5.97 -2.22 13.21
CA VAL A 454 -5.87 -3.59 13.71
C VAL A 454 -4.46 -3.82 14.24
N THR A 455 -4.37 -4.33 15.47
CA THR A 455 -3.13 -4.79 16.06
C THR A 455 -3.32 -6.24 16.49
N CYS A 456 -2.36 -7.09 16.16
CA CYS A 456 -2.52 -8.53 16.33
C CYS A 456 -1.69 -9.05 17.49
N ILE A 457 -2.16 -10.15 18.07
CA ILE A 457 -1.44 -10.90 19.09
C ILE A 457 -1.54 -12.38 18.74
N LYS A 458 -0.41 -13.05 18.69
CA LYS A 458 -0.39 -14.49 18.44
C LYS A 458 -0.74 -15.23 19.72
N VAL A 459 -1.68 -16.17 19.62
CA VAL A 459 -2.11 -16.97 20.76
C VAL A 459 -1.96 -18.44 20.41
N GLY A 460 -1.89 -19.27 21.45
CA GLY A 460 -1.82 -20.70 21.24
C GLY A 460 -3.16 -21.27 20.81
N SER A 461 -3.10 -22.39 20.09
CA SER A 461 -4.29 -23.07 19.61
C SER A 461 -4.94 -23.89 20.73
N PHE A 462 -6.14 -24.38 20.43
CA PHE A 462 -6.86 -25.30 21.31
C PHE A 462 -7.05 -24.71 22.71
N GLN A 463 -7.41 -23.42 22.75
CA GLN A 463 -7.67 -22.73 24.00
C GLN A 463 -9.10 -22.20 24.00
N GLY A 464 -9.75 -22.28 25.15
CA GLY A 464 -11.11 -21.78 25.26
C GLY A 464 -11.18 -20.29 25.00
N THR A 465 -12.35 -19.84 24.54
CA THR A 465 -12.52 -18.44 24.20
C THR A 465 -12.38 -17.55 25.43
N ASP A 466 -12.97 -17.96 26.56
CA ASP A 466 -12.90 -17.13 27.76
C ASP A 466 -11.47 -16.98 28.26
N ILE A 467 -10.68 -18.04 28.15
CA ILE A 467 -9.30 -17.99 28.60
C ILE A 467 -8.47 -17.07 27.70
N VAL A 468 -8.71 -17.12 26.40
CA VAL A 468 -7.96 -16.28 25.46
C VAL A 468 -8.30 -14.81 25.69
N ILE A 469 -9.58 -14.51 25.93
CA ILE A 469 -10.00 -13.12 26.11
C ILE A 469 -9.37 -12.53 27.37
N ARG A 470 -9.42 -13.27 28.48
CA ARG A 470 -8.82 -12.78 29.72
C ARG A 470 -7.32 -12.58 29.56
N ASN A 471 -6.65 -13.46 28.80
CA ASN A 471 -5.23 -13.27 28.54
C ASN A 471 -4.97 -12.03 27.71
N ALA A 472 -5.83 -11.74 26.74
CA ALA A 472 -5.67 -10.53 25.93
C ALA A 472 -5.87 -9.28 26.77
N ILE A 473 -6.84 -9.32 27.69
CA ILE A 473 -7.07 -8.17 28.57
C ILE A 473 -5.85 -7.90 29.43
N GLU A 474 -5.22 -8.96 29.94
CA GLU A 474 -4.03 -8.79 30.76
C GLU A 474 -2.87 -8.27 29.94
N ILE A 475 -2.72 -8.75 28.70
CA ILE A 475 -1.67 -8.23 27.82
C ILE A 475 -1.97 -6.78 27.45
N ALA A 476 -3.24 -6.47 27.21
CA ALA A 476 -3.61 -5.09 26.88
C ALA A 476 -3.32 -4.15 28.03
N LYS A 477 -3.54 -4.60 29.26
CA LYS A 477 -3.22 -3.76 30.42
C LYS A 477 -1.72 -3.51 30.51
N GLN A 478 -0.90 -4.54 30.25
CA GLN A 478 0.54 -4.37 30.32
C GLN A 478 1.05 -3.43 29.23
N ARG A 479 0.50 -3.54 28.02
CA ARG A 479 0.88 -2.69 26.90
CA ARG A 479 0.89 -2.68 26.91
C ARG A 479 0.24 -1.31 26.97
N ASN A 480 -0.46 -0.99 28.06
CA ASN A 480 -1.13 0.30 28.25
C ASN A 480 -2.23 0.54 27.21
N MET A 481 -2.74 -0.52 26.58
CA MET A 481 -3.84 -0.37 25.65
C MET A 481 -5.19 -0.25 26.36
N ALA A 482 -5.26 -0.63 27.63
CA ALA A 482 -6.49 -0.54 28.40
C ALA A 482 -6.12 -0.47 29.88
N LYS A 483 -7.05 0.06 30.67
CA LYS A 483 -6.78 0.33 32.08
C LYS A 483 -8.01 -0.04 32.90
N VAL A 484 -7.82 -0.09 34.22
CA VAL A 484 -8.91 -0.36 35.14
C VAL A 484 -9.99 0.71 34.97
N GLY A 485 -11.25 0.27 34.93
CA GLY A 485 -12.38 1.14 34.71
C GLY A 485 -12.85 1.18 33.27
N ASP A 486 -12.01 0.79 32.32
CA ASP A 486 -12.41 0.76 30.93
C ASP A 486 -13.39 -0.39 30.67
N SER A 487 -14.20 -0.21 29.64
CA SER A 487 -14.92 -1.31 29.01
C SER A 487 -14.17 -1.73 27.75
N VAL A 488 -14.22 -3.02 27.44
CA VAL A 488 -13.71 -3.52 26.18
C VAL A 488 -14.75 -4.45 25.59
N ILE A 489 -14.77 -4.52 24.26
CA ILE A 489 -15.65 -5.42 23.52
C ILE A 489 -14.88 -6.66 23.14
N ALA A 490 -15.50 -7.82 23.30
CA ALA A 490 -14.98 -9.07 22.78
C ALA A 490 -15.98 -9.63 21.77
N ILE A 491 -15.46 -10.11 20.64
CA ILE A 491 -16.29 -10.67 19.59
C ILE A 491 -15.60 -11.93 19.06
N HIS A 492 -16.37 -13.00 18.91
CA HIS A 492 -15.84 -14.27 18.42
C HIS A 492 -17.00 -15.11 17.92
N GLY A 493 -16.66 -16.27 17.36
CA GLY A 493 -17.65 -17.17 16.78
C GLY A 493 -17.94 -16.88 15.32
N THR A 502 -21.31 -20.01 17.39
CA THR A 502 -21.89 -18.96 16.56
C THR A 502 -21.44 -17.57 17.03
N ASN A 503 -21.99 -16.54 16.41
CA ASN A 503 -21.44 -15.19 16.57
C ASN A 503 -21.85 -14.56 17.90
N LEU A 504 -20.89 -13.92 18.55
CA LEU A 504 -21.07 -13.43 19.91
C LEU A 504 -20.40 -12.08 20.08
N MET A 505 -21.11 -11.15 20.72
CA MET A 505 -20.57 -9.86 21.13
C MET A 505 -20.69 -9.74 22.64
N LYS A 506 -19.61 -9.38 23.30
CA LYS A 506 -19.55 -9.38 24.75
C LYS A 506 -18.85 -8.10 25.22
N VAL A 507 -19.39 -7.49 26.27
CA VAL A 507 -18.78 -6.35 26.91
C VAL A 507 -18.27 -6.78 28.28
N VAL A 508 -17.00 -6.49 28.56
CA VAL A 508 -16.43 -6.78 29.88
C VAL A 508 -15.75 -5.52 30.39
N GLN A 509 -15.85 -5.30 31.69
CA GLN A 509 -15.18 -4.19 32.35
C GLN A 509 -13.90 -4.67 33.00
N ILE A 510 -12.87 -3.85 32.95
CA ILE A 510 -11.58 -4.20 33.54
C ILE A 510 -11.55 -3.73 34.99
N GLU A 511 -11.26 -4.66 35.89
CA GLU A 511 -11.28 -4.41 37.33
C GLU A 511 -9.94 -4.82 37.93
N LEU A 512 -9.84 -4.67 39.24
CA LEU A 512 -8.68 -5.11 40.01
C LEU A 512 -7.38 -4.47 39.51
MG MG B . 5.81 1.31 -12.28
K K C . 8.57 -2.38 -7.84
#